data_5OMC
#
_entry.id   5OMC
#
_cell.length_a   34.420
_cell.length_b   94.590
_cell.length_c   170.840
_cell.angle_alpha   90.00
_cell.angle_beta   90.00
_cell.angle_gamma   90.00
#
_symmetry.space_group_name_H-M   'P 21 21 21'
#
loop_
_entity.id
_entity.type
_entity.pdbx_description
1 polymer 'Replication factor A protein 1'
2 polymer 'DNA damage checkpoint protein LCD1'
3 non-polymer 'CHLORIDE ION'
4 water water
#
loop_
_entity_poly.entity_id
_entity_poly.type
_entity_poly.pdbx_seq_one_letter_code
_entity_poly.pdbx_strand_id
1 'polypeptide(L)'
;GPMSSVQLSRGDFHSIFTNKQRYDNPTGGVYQVYNTRKSDGANSNRENLIMISDGIYHMKALLRNQAASKFQSMELQRGD
IIRVIIAEPAIVRERKKYVLLVDDFELVQSRADMVNQTSTFLDNYFSEHPNETL
;
A,B
2 'polypeptide(L)'
;GPMADLWDDNDDDDDILELVNRPPMSQMAVPIKPPESQAEQLMKAKGEVGVLRQKLSMLEKTLREHDDNQKKLESSLKSS
HEEEVTKLKIELERLEDERKFMLLEQKHLFT
;
C,D
#
loop_
_chem_comp.id
_chem_comp.type
_chem_comp.name
_chem_comp.formula
CL non-polymer 'CHLORIDE ION' 'Cl -1'
#
# COMPACT_ATOMS: atom_id res chain seq x y z
N VAL A 6 -22.76 39.39 14.67
CA VAL A 6 -22.20 38.35 15.55
C VAL A 6 -21.77 38.94 16.91
N GLN A 7 -22.14 38.27 18.01
CA GLN A 7 -21.82 38.72 19.36
C GLN A 7 -21.04 37.66 20.11
N LEU A 8 -19.98 38.08 20.82
CA LEU A 8 -19.20 37.19 21.65
C LEU A 8 -19.94 36.86 22.95
N SER A 9 -19.59 35.72 23.54
CA SER A 9 -20.12 35.20 24.78
C SER A 9 -19.40 35.96 25.92
N ARG A 10 -19.78 37.25 26.10
CA ARG A 10 -19.23 38.22 27.04
C ARG A 10 -19.07 37.68 28.46
N GLY A 11 -17.82 37.61 28.92
CA GLY A 11 -17.45 37.15 30.25
C GLY A 11 -17.52 35.66 30.50
N ASP A 12 -17.76 34.86 29.45
CA ASP A 12 -17.90 33.39 29.51
C ASP A 12 -16.68 32.65 30.10
N PHE A 13 -15.45 33.13 29.88
CA PHE A 13 -14.23 32.53 30.44
C PHE A 13 -14.27 32.50 31.98
N HIS A 14 -14.90 33.51 32.60
CA HIS A 14 -15.10 33.62 34.04
C HIS A 14 -16.16 32.57 34.49
N SER A 15 -17.25 32.41 33.69
CA SER A 15 -18.32 31.46 33.96
C SER A 15 -17.82 30.02 33.95
N ILE A 16 -16.91 29.68 33.01
CA ILE A 16 -16.33 28.35 32.85
C ILE A 16 -15.66 27.84 34.15
N PHE A 17 -14.99 28.72 34.90
CA PHE A 17 -14.26 28.30 36.09
C PHE A 17 -15.00 28.59 37.40
N THR A 18 -16.20 29.22 37.35
CA THR A 18 -16.97 29.56 38.55
C THR A 18 -18.35 28.87 38.62
N ASN A 19 -18.92 28.52 37.44
CA ASN A 19 -20.22 27.85 37.35
C ASN A 19 -19.99 26.38 36.97
N LYS A 20 -20.44 25.45 37.85
CA LYS A 20 -20.26 24.00 37.70
C LYS A 20 -20.84 23.45 36.38
N GLN A 21 -22.10 23.81 36.02
CA GLN A 21 -22.77 23.38 34.77
C GLN A 21 -21.97 23.81 33.54
N ARG A 22 -21.34 24.99 33.64
CA ARG A 22 -20.51 25.62 32.61
C ARG A 22 -19.13 24.92 32.50
N TYR A 23 -18.51 24.59 33.66
CA TYR A 23 -17.26 23.85 33.79
C TYR A 23 -17.42 22.44 33.23
N ASP A 24 -18.56 21.78 33.55
CA ASP A 24 -18.87 20.39 33.15
C ASP A 24 -18.97 20.26 31.67
N ASN A 25 -19.40 21.33 30.98
CA ASN A 25 -19.52 21.37 29.53
C ASN A 25 -19.30 22.82 28.98
N PRO A 26 -18.01 23.22 28.77
CA PRO A 26 -17.72 24.60 28.31
C PRO A 26 -17.78 24.76 26.79
N THR A 27 -18.92 24.36 26.21
CA THR A 27 -19.13 24.44 24.77
C THR A 27 -20.22 25.46 24.43
N GLY A 28 -20.27 25.86 23.15
CA GLY A 28 -21.22 26.82 22.62
C GLY A 28 -20.81 28.28 22.70
N GLY A 29 -19.68 28.54 23.36
CA GLY A 29 -19.12 29.89 23.50
C GLY A 29 -18.63 30.47 22.20
N VAL A 30 -18.84 31.79 22.01
CA VAL A 30 -18.44 32.56 20.83
C VAL A 30 -17.29 33.48 21.22
N TYR A 31 -16.10 33.17 20.69
CA TYR A 31 -14.88 33.90 21.02
C TYR A 31 -14.14 34.45 19.80
N GLN A 32 -13.37 35.54 20.01
CA GLN A 32 -12.51 36.23 19.04
C GLN A 32 -11.04 35.85 19.29
N VAL A 33 -10.30 35.44 18.24
CA VAL A 33 -8.88 35.11 18.38
C VAL A 33 -8.19 36.44 18.76
N TYR A 34 -7.44 36.43 19.87
CA TYR A 34 -6.79 37.62 20.42
C TYR A 34 -5.33 37.73 20.00
N ASN A 35 -4.61 36.58 19.94
CA ASN A 35 -3.19 36.54 19.57
C ASN A 35 -2.74 35.16 19.11
N THR A 36 -1.80 35.11 18.12
CA THR A 36 -1.27 33.88 17.52
C THR A 36 0.23 33.68 17.70
N ASN A 45 4.91 22.23 17.37
CA ASN A 45 5.25 23.51 18.00
C ASN A 45 4.16 23.96 19.03
N ARG A 46 4.29 25.22 19.51
CA ARG A 46 3.40 25.90 20.45
C ARG A 46 2.40 26.82 19.72
N GLU A 47 2.30 26.62 18.39
CA GLU A 47 1.40 27.33 17.47
C GLU A 47 -0.07 27.04 17.81
N ASN A 48 -0.36 25.89 18.46
CA ASN A 48 -1.68 25.45 18.86
C ASN A 48 -2.15 26.10 20.16
N LEU A 49 -1.25 26.83 20.82
CA LEU A 49 -1.57 27.58 22.03
C LEU A 49 -1.79 29.02 21.58
N ILE A 50 -3.04 29.49 21.70
CA ILE A 50 -3.48 30.80 21.27
C ILE A 50 -4.10 31.56 22.44
N MET A 51 -4.44 32.83 22.20
CA MET A 51 -5.12 33.69 23.15
C MET A 51 -6.49 33.95 22.54
N ILE A 52 -7.56 33.78 23.32
CA ILE A 52 -8.95 34.01 22.89
C ILE A 52 -9.59 35.07 23.76
N SER A 53 -10.62 35.76 23.24
CA SER A 53 -11.29 36.87 23.89
C SER A 53 -12.81 36.66 23.95
N ASP A 54 -13.39 36.88 25.15
CA ASP A 54 -14.84 36.76 25.32
C ASP A 54 -15.50 38.16 25.28
N GLY A 55 -14.66 39.20 25.15
CA GLY A 55 -15.08 40.59 25.11
C GLY A 55 -14.74 41.33 26.38
N ILE A 56 -14.55 40.58 27.48
CA ILE A 56 -14.22 41.15 28.79
C ILE A 56 -12.87 40.61 29.22
N TYR A 57 -12.74 39.29 29.15
CA TYR A 57 -11.53 38.57 29.52
C TYR A 57 -10.88 37.95 28.30
N HIS A 58 -9.57 37.78 28.37
CA HIS A 58 -8.81 37.05 27.40
C HIS A 58 -8.09 35.95 28.16
N MET A 59 -8.11 34.74 27.59
CA MET A 59 -7.44 33.59 28.21
C MET A 59 -6.77 32.78 27.11
N LYS A 60 -5.87 31.88 27.52
CA LYS A 60 -5.16 30.93 26.66
C LYS A 60 -6.07 29.77 26.30
N ALA A 61 -5.95 29.32 25.05
CA ALA A 61 -6.68 28.18 24.50
C ALA A 61 -5.68 27.24 23.87
N LEU A 62 -5.75 25.97 24.23
CA LEU A 62 -4.89 24.97 23.63
C LEU A 62 -5.75 24.18 22.64
N LEU A 63 -5.42 24.28 21.34
CA LEU A 63 -6.14 23.58 20.29
C LEU A 63 -5.60 22.17 20.19
N ARG A 64 -6.50 21.19 20.20
CA ARG A 64 -6.11 19.78 20.09
C ARG A 64 -6.97 19.12 19.06
N ASN A 65 -6.62 17.88 18.70
CA ASN A 65 -7.37 17.01 17.80
C ASN A 65 -7.84 17.74 16.51
N GLN A 66 -9.13 17.67 16.12
CA GLN A 66 -9.69 18.33 14.92
C GLN A 66 -9.44 19.86 14.88
N ALA A 67 -9.60 20.54 16.01
CA ALA A 67 -9.42 21.98 16.14
C ALA A 67 -8.04 22.42 15.72
N ALA A 68 -7.01 21.69 16.21
CA ALA A 68 -5.61 21.97 15.92
C ALA A 68 -5.37 21.89 14.39
N SER A 69 -5.96 20.90 13.72
CA SER A 69 -5.88 20.71 12.26
C SER A 69 -6.57 21.83 11.50
N LYS A 70 -7.83 22.13 11.86
CA LYS A 70 -8.73 23.14 11.26
C LYS A 70 -8.11 24.55 11.37
N PHE A 71 -7.67 24.94 12.57
CA PHE A 71 -7.05 26.23 12.83
C PHE A 71 -5.79 26.44 11.99
N GLN A 72 -4.95 25.39 11.85
CA GLN A 72 -3.70 25.46 11.09
C GLN A 72 -3.94 25.52 9.60
N SER A 73 -4.88 24.68 9.07
CA SER A 73 -5.14 24.66 7.62
C SER A 73 -5.84 25.93 7.14
N MET A 74 -6.77 26.44 7.94
CA MET A 74 -7.53 27.65 7.64
C MET A 74 -6.72 28.92 7.95
N GLU A 75 -5.57 28.79 8.63
CA GLU A 75 -4.68 29.90 9.00
C GLU A 75 -5.46 31.01 9.70
N LEU A 76 -6.16 30.61 10.76
CA LEU A 76 -6.94 31.53 11.56
C LEU A 76 -5.99 32.41 12.34
N GLN A 77 -6.40 33.67 12.52
CA GLN A 77 -5.58 34.71 13.12
C GLN A 77 -6.41 35.68 13.94
N ARG A 78 -5.72 36.63 14.63
CA ARG A 78 -6.31 37.69 15.46
C ARG A 78 -7.48 38.39 14.71
N GLY A 79 -8.66 38.38 15.34
CA GLY A 79 -9.85 39.01 14.79
C GLY A 79 -10.91 38.03 14.31
N ASP A 80 -10.51 36.78 14.02
CA ASP A 80 -11.46 35.75 13.58
C ASP A 80 -12.30 35.33 14.78
N ILE A 81 -13.58 35.08 14.51
CA ILE A 81 -14.55 34.70 15.51
C ILE A 81 -14.94 33.22 15.31
N ILE A 82 -14.80 32.44 16.38
CA ILE A 82 -15.04 31.00 16.45
C ILE A 82 -16.09 30.66 17.51
N ARG A 83 -16.70 29.48 17.37
CA ARG A 83 -17.66 28.91 18.30
C ARG A 83 -17.09 27.56 18.70
N VAL A 84 -16.83 27.40 20.00
CA VAL A 84 -16.28 26.19 20.57
C VAL A 84 -17.37 25.12 20.65
N ILE A 85 -17.07 23.92 20.07
CA ILE A 85 -17.97 22.75 19.96
C ILE A 85 -17.60 21.67 20.96
N ILE A 86 -16.29 21.38 21.10
CA ILE A 86 -15.77 20.41 22.07
C ILE A 86 -14.68 21.06 22.86
N ALA A 87 -14.85 21.14 24.17
CA ALA A 87 -13.83 21.75 25.02
C ALA A 87 -13.79 21.14 26.40
N GLU A 88 -12.66 21.31 27.07
CA GLU A 88 -12.41 20.88 28.46
C GLU A 88 -11.78 22.03 29.22
N PRO A 89 -12.27 22.34 30.44
CA PRO A 89 -11.57 23.36 31.22
C PRO A 89 -10.34 22.73 31.88
N ALA A 90 -9.29 23.51 32.13
CA ALA A 90 -8.11 22.97 32.80
C ALA A 90 -7.36 24.06 33.55
N ILE A 91 -6.97 23.79 34.79
CA ILE A 91 -6.19 24.73 35.61
C ILE A 91 -4.86 24.03 35.95
N VAL A 92 -3.72 24.67 35.63
CA VAL A 92 -2.38 24.09 35.85
C VAL A 92 -1.52 24.99 36.75
N ARG A 93 -0.25 24.58 36.96
CA ARG A 93 0.74 25.27 37.80
C ARG A 93 0.16 25.64 39.17
N GLU A 94 -0.17 24.62 39.98
CA GLU A 94 -0.72 24.80 41.33
C GLU A 94 -1.87 25.81 41.37
N ARG A 95 -2.79 25.71 40.40
CA ARG A 95 -4.00 26.53 40.27
C ARG A 95 -3.72 27.99 39.81
N LYS A 96 -2.49 28.27 39.34
CA LYS A 96 -2.10 29.59 38.85
C LYS A 96 -2.50 29.86 37.38
N LYS A 97 -2.46 28.83 36.52
CA LYS A 97 -2.68 28.98 35.08
C LYS A 97 -3.92 28.31 34.50
N TYR A 98 -4.74 29.12 33.82
CA TYR A 98 -6.01 28.73 33.21
C TYR A 98 -5.87 28.54 31.69
N VAL A 99 -6.46 27.43 31.21
CA VAL A 99 -6.49 27.05 29.80
C VAL A 99 -7.79 26.35 29.41
N LEU A 100 -8.29 26.67 28.23
CA LEU A 100 -9.46 26.01 27.65
C LEU A 100 -8.92 25.09 26.59
N LEU A 101 -9.09 23.77 26.79
CA LEU A 101 -8.62 22.79 25.81
C LEU A 101 -9.73 22.67 24.75
N VAL A 102 -9.46 23.16 23.53
CA VAL A 102 -10.44 23.16 22.43
C VAL A 102 -10.15 22.03 21.46
N ASP A 103 -11.09 21.06 21.37
CA ASP A 103 -10.98 19.86 20.52
C ASP A 103 -11.70 20.02 19.21
N ASP A 104 -12.71 20.90 19.18
CA ASP A 104 -13.48 21.22 17.98
C ASP A 104 -14.15 22.57 18.13
N PHE A 105 -14.21 23.32 17.02
CA PHE A 105 -14.82 24.63 16.90
C PHE A 105 -15.37 24.82 15.48
N GLU A 106 -16.09 25.92 15.27
CA GLU A 106 -16.54 26.30 13.94
C GLU A 106 -16.20 27.78 13.74
N LEU A 107 -15.82 28.15 12.50
CA LEU A 107 -15.55 29.54 12.13
C LEU A 107 -16.88 30.27 12.03
N VAL A 108 -17.00 31.38 12.76
CA VAL A 108 -18.21 32.19 12.74
C VAL A 108 -18.01 33.38 11.78
N GLN A 109 -16.89 34.11 11.94
CA GLN A 109 -16.56 35.26 11.12
C GLN A 109 -15.07 35.44 10.99
N SER A 110 -14.60 35.69 9.78
CA SER A 110 -13.21 35.94 9.46
C SER A 110 -12.91 37.44 9.51
N ARG A 111 -11.79 37.74 10.13
CA ARG A 111 -11.13 39.03 10.32
C ARG A 111 -12.09 40.15 10.74
N ALA A 112 -12.85 39.91 11.81
CA ALA A 112 -13.75 40.92 12.36
C ALA A 112 -12.91 41.91 13.18
N ASP A 113 -13.48 43.09 13.44
CA ASP A 113 -12.82 44.11 14.24
C ASP A 113 -12.77 43.64 15.71
N MET A 114 -11.68 43.97 16.43
CA MET A 114 -11.53 43.56 17.83
C MET A 114 -12.62 44.19 18.68
N VAL A 115 -13.42 43.35 19.36
CA VAL A 115 -14.54 43.78 20.21
C VAL A 115 -13.99 44.55 21.43
N ASN A 116 -12.79 44.15 21.89
CA ASN A 116 -12.07 44.76 23.00
C ASN A 116 -10.57 44.50 22.83
N GLN A 117 -9.76 45.54 23.05
CA GLN A 117 -8.30 45.43 22.98
C GLN A 117 -7.69 45.62 24.36
N THR A 118 -8.48 46.19 25.29
CA THR A 118 -8.09 46.46 26.69
C THR A 118 -8.76 45.46 27.64
N SER A 119 -8.89 44.18 27.20
CA SER A 119 -9.48 43.12 28.01
C SER A 119 -8.51 42.67 29.08
N THR A 120 -9.07 41.97 30.10
CA THR A 120 -8.34 41.49 31.26
C THR A 120 -7.90 40.05 31.05
N PHE A 121 -6.64 39.75 31.39
CA PHE A 121 -6.14 38.40 31.35
C PHE A 121 -6.84 37.64 32.49
N LEU A 122 -7.53 36.54 32.15
CA LEU A 122 -8.31 35.74 33.10
C LEU A 122 -7.51 35.28 34.34
N ASP A 123 -6.24 34.85 34.13
CA ASP A 123 -5.35 34.38 35.19
C ASP A 123 -5.00 35.49 36.17
N ASN A 124 -4.89 36.73 35.67
CA ASN A 124 -4.65 37.91 36.48
C ASN A 124 -5.89 38.17 37.34
N TYR A 125 -7.11 38.04 36.79
CA TYR A 125 -8.36 38.22 37.55
C TYR A 125 -8.49 37.25 38.70
N PHE A 126 -8.30 35.95 38.40
CA PHE A 126 -8.41 34.88 39.39
C PHE A 126 -7.28 34.90 40.45
N SER A 127 -6.16 35.60 40.19
CA SER A 127 -5.08 35.69 41.16
C SER A 127 -5.48 36.68 42.25
N GLU A 128 -6.37 37.63 41.87
CA GLU A 128 -6.93 38.70 42.69
C GLU A 128 -8.22 38.24 43.38
N HIS A 129 -8.96 37.33 42.72
CA HIS A 129 -10.19 36.72 43.22
C HIS A 129 -9.99 35.18 43.20
N PRO A 130 -9.18 34.60 44.13
CA PRO A 130 -8.86 33.16 44.06
C PRO A 130 -9.91 32.18 44.60
N ASN A 131 -10.83 32.67 45.45
CA ASN A 131 -11.89 31.85 46.01
C ASN A 131 -13.05 31.48 45.06
N GLU A 132 -13.23 32.24 43.96
CA GLU A 132 -14.31 32.05 42.98
C GLU A 132 -14.25 30.72 42.19
N THR A 133 -13.05 30.13 42.01
CA THR A 133 -12.87 28.91 41.21
C THR A 133 -13.21 27.60 41.92
N LEU A 134 -13.69 26.65 41.09
CA LEU A 134 -14.10 25.29 41.44
C LEU A 134 -12.87 24.36 41.44
N GLN B 7 35.11 14.63 -34.82
CA GLN B 7 34.82 13.89 -33.61
C GLN B 7 33.71 12.84 -33.83
N LEU B 8 32.73 13.18 -34.70
CA LEU B 8 31.62 12.30 -35.01
C LEU B 8 32.02 11.21 -35.98
N SER B 9 31.28 10.09 -35.95
CA SER B 9 31.47 8.94 -36.83
C SER B 9 30.85 9.31 -38.19
N ARG B 10 31.55 10.18 -38.94
CA ARG B 10 31.18 10.75 -40.24
C ARG B 10 30.69 9.73 -41.24
N GLY B 11 29.41 9.84 -41.63
CA GLY B 11 28.77 8.99 -42.62
C GLY B 11 28.39 7.59 -42.17
N ASP B 12 28.51 7.29 -40.85
CA ASP B 12 28.22 5.98 -40.26
C ASP B 12 26.79 5.48 -40.49
N PHE B 13 25.79 6.38 -40.46
CA PHE B 13 24.39 6.01 -40.72
C PHE B 13 24.23 5.30 -42.07
N HIS B 14 25.03 5.68 -43.06
CA HIS B 14 25.06 5.06 -44.39
C HIS B 14 25.69 3.66 -44.28
N SER B 15 26.79 3.53 -43.49
CA SER B 15 27.50 2.26 -43.29
C SER B 15 26.61 1.23 -42.62
N ILE B 16 25.78 1.66 -41.63
CA ILE B 16 24.85 0.80 -40.89
C ILE B 16 23.91 0.01 -41.82
N PHE B 17 23.44 0.61 -42.92
CA PHE B 17 22.47 -0.03 -43.79
C PHE B 17 23.07 -0.61 -45.08
N THR B 18 24.38 -0.42 -45.30
CA THR B 18 25.06 -0.91 -46.50
C THR B 18 26.16 -1.96 -46.22
N ASN B 19 26.75 -1.93 -45.03
CA ASN B 19 27.79 -2.86 -44.59
C ASN B 19 27.19 -3.84 -43.60
N LYS B 20 27.24 -5.16 -43.94
CA LYS B 20 26.66 -6.24 -43.13
C LYS B 20 27.24 -6.31 -41.69
N GLN B 21 28.58 -6.25 -41.53
CA GLN B 21 29.27 -6.26 -40.22
C GLN B 21 28.81 -5.09 -39.35
N ARG B 22 28.53 -3.94 -39.99
CA ARG B 22 28.06 -2.70 -39.36
C ARG B 22 26.59 -2.79 -38.97
N TYR B 23 25.75 -3.40 -39.84
CA TYR B 23 24.32 -3.67 -39.61
C TYR B 23 24.15 -4.66 -38.46
N ASP B 24 25.01 -5.72 -38.42
CA ASP B 24 24.97 -6.79 -37.43
C ASP B 24 25.25 -6.27 -36.04
N ASN B 25 26.07 -5.20 -35.94
CA ASN B 25 26.40 -4.57 -34.67
C ASN B 25 26.64 -3.03 -34.86
N PRO B 26 25.55 -2.20 -34.87
CA PRO B 26 25.72 -0.75 -35.10
C PRO B 26 26.02 0.05 -33.84
N THR B 27 27.04 -0.38 -33.11
CA THR B 27 27.46 0.25 -31.86
C THR B 27 28.82 0.92 -32.02
N GLY B 28 29.16 1.81 -31.08
CA GLY B 28 30.41 2.55 -31.03
C GLY B 28 30.42 3.86 -31.78
N GLY B 29 29.34 4.15 -32.50
CA GLY B 29 29.19 5.39 -33.25
C GLY B 29 29.06 6.61 -32.36
N VAL B 30 29.74 7.70 -32.72
CA VAL B 30 29.68 9.00 -32.04
C VAL B 30 28.79 9.97 -32.89
N TYR B 31 27.64 10.33 -32.34
CA TYR B 31 26.63 11.17 -32.98
C TYR B 31 26.23 12.40 -32.20
N GLN B 32 25.69 13.38 -32.93
CA GLN B 32 25.21 14.63 -32.35
C GLN B 32 23.68 14.71 -32.46
N VAL B 33 23.00 15.10 -31.37
CA VAL B 33 21.53 15.24 -31.37
C VAL B 33 21.20 16.40 -32.33
N TYR B 34 20.34 16.11 -33.32
CA TYR B 34 19.97 17.06 -34.37
C TYR B 34 18.65 17.77 -34.08
N ASN B 35 17.66 17.06 -33.49
CA ASN B 35 16.34 17.61 -33.15
C ASN B 35 15.61 16.78 -32.10
N THR B 36 14.84 17.45 -31.19
CA THR B 36 14.11 16.80 -30.09
C THR B 36 12.60 17.11 -30.07
N ARG B 37 11.80 16.13 -29.60
CA ARG B 37 10.35 16.14 -29.39
C ARG B 37 9.53 16.14 -30.67
N ASN B 45 6.33 8.79 -25.18
CA ASN B 45 6.96 7.90 -26.17
C ASN B 45 7.41 8.62 -27.47
N ARG B 46 6.59 9.58 -28.00
CA ARG B 46 6.93 10.42 -29.18
C ARG B 46 8.26 11.17 -28.92
N GLU B 47 8.47 11.55 -27.65
CA GLU B 47 9.65 12.24 -27.12
C GLU B 47 10.92 11.38 -27.24
N ASN B 48 10.74 10.03 -27.30
CA ASN B 48 11.84 9.07 -27.41
C ASN B 48 12.30 8.89 -28.85
N LEU B 49 11.56 9.48 -29.80
CA LEU B 49 11.95 9.47 -31.19
C LEU B 49 12.66 10.82 -31.47
N ILE B 50 13.97 10.75 -31.73
CA ILE B 50 14.80 11.93 -31.94
C ILE B 50 15.43 11.91 -33.36
N MET B 51 16.18 12.96 -33.73
CA MET B 51 16.95 13.05 -34.98
C MET B 51 18.39 13.13 -34.53
N ILE B 52 19.25 12.30 -35.11
CA ILE B 52 20.67 12.25 -34.81
C ILE B 52 21.52 12.51 -36.05
N SER B 53 22.74 12.99 -35.86
CA SER B 53 23.63 13.37 -36.94
C SER B 53 24.99 12.68 -36.86
N ASP B 54 25.50 12.28 -38.04
CA ASP B 54 26.82 11.67 -38.10
C ASP B 54 27.84 12.65 -38.71
N GLY B 55 27.37 13.84 -39.07
CA GLY B 55 28.16 14.90 -39.68
C GLY B 55 27.87 15.07 -41.16
N ILE B 56 27.34 14.01 -41.80
CA ILE B 56 27.02 14.00 -43.22
C ILE B 56 25.53 13.77 -43.39
N TYR B 57 25.03 12.72 -42.71
CA TYR B 57 23.64 12.34 -42.73
C TYR B 57 23.01 12.57 -41.38
N HIS B 58 21.71 12.80 -41.39
CA HIS B 58 20.90 12.86 -40.20
C HIS B 58 19.80 11.82 -40.37
N MET B 59 19.56 11.04 -39.32
CA MET B 59 18.53 10.01 -39.34
C MET B 59 17.78 10.01 -38.01
N LYS B 60 16.61 9.34 -37.98
CA LYS B 60 15.79 9.17 -36.78
C LYS B 60 16.36 8.09 -35.89
N ALA B 61 16.27 8.30 -34.58
CA ALA B 61 16.71 7.37 -33.55
C ALA B 61 15.55 7.14 -32.60
N LEU B 62 15.22 5.88 -32.34
CA LEU B 62 14.19 5.55 -31.35
C LEU B 62 14.90 5.08 -30.09
N LEU B 63 14.77 5.86 -29.01
CA LEU B 63 15.40 5.52 -27.74
C LEU B 63 14.52 4.54 -27.01
N ARG B 64 15.11 3.45 -26.53
CA ARG B 64 14.36 2.46 -25.79
C ARG B 64 15.14 2.11 -24.53
N ASN B 65 14.51 1.32 -23.65
CA ASN B 65 15.11 0.79 -22.45
C ASN B 65 15.90 1.87 -21.63
N GLN B 66 17.15 1.61 -21.20
CA GLN B 66 17.93 2.57 -20.40
C GLN B 66 18.24 3.89 -21.10
N ALA B 67 18.35 3.85 -22.44
CA ALA B 67 18.63 5.05 -23.25
C ALA B 67 17.46 6.04 -23.26
N ALA B 68 16.21 5.52 -23.22
CA ALA B 68 14.99 6.34 -23.15
C ALA B 68 14.90 7.05 -21.77
N SER B 69 15.25 6.34 -20.70
CA SER B 69 15.29 6.88 -19.33
C SER B 69 16.36 7.95 -19.18
N LYS B 70 17.63 7.64 -19.60
CA LYS B 70 18.83 8.47 -19.54
C LYS B 70 18.64 9.78 -20.29
N PHE B 71 18.21 9.71 -21.55
CA PHE B 71 17.96 10.86 -22.39
C PHE B 71 16.93 11.80 -21.79
N GLN B 72 15.83 11.26 -21.22
CA GLN B 72 14.78 12.08 -20.60
C GLN B 72 15.23 12.71 -19.29
N SER B 73 15.94 11.96 -18.41
CA SER B 73 16.36 12.51 -17.12
C SER B 73 17.46 13.56 -17.28
N MET B 74 18.33 13.37 -18.26
CA MET B 74 19.46 14.23 -18.58
C MET B 74 19.04 15.42 -19.40
N GLU B 75 17.82 15.38 -19.97
CA GLU B 75 17.26 16.42 -20.82
C GLU B 75 18.21 16.78 -21.96
N LEU B 76 18.57 15.77 -22.72
CA LEU B 76 19.47 15.94 -23.84
C LEU B 76 18.79 16.63 -24.97
N GLN B 77 19.47 17.60 -25.56
CA GLN B 77 18.91 18.38 -26.64
C GLN B 77 19.87 18.54 -27.79
N ARG B 78 19.39 19.20 -28.85
CA ARG B 78 20.15 19.50 -30.07
C ARG B 78 21.50 20.06 -29.68
N GLY B 79 22.56 19.46 -30.22
CA GLY B 79 23.92 19.92 -29.98
C GLY B 79 24.75 18.99 -29.12
N ASP B 80 24.09 18.16 -28.31
CA ASP B 80 24.74 17.17 -27.44
C ASP B 80 25.34 16.05 -28.29
N ILE B 81 26.46 15.52 -27.84
CA ILE B 81 27.17 14.44 -28.49
C ILE B 81 27.12 13.18 -27.63
N ILE B 82 26.71 12.06 -28.24
CA ILE B 82 26.54 10.75 -27.59
C ILE B 82 27.32 9.67 -28.37
N ARG B 83 27.57 8.56 -27.68
CA ARG B 83 28.20 7.36 -28.23
C ARG B 83 27.23 6.24 -27.97
N VAL B 84 26.76 5.60 -29.05
CA VAL B 84 25.80 4.50 -29.00
C VAL B 84 26.53 3.23 -28.55
N ILE B 85 25.99 2.59 -27.50
CA ILE B 85 26.52 1.39 -26.84
C ILE B 85 25.71 0.14 -27.22
N ILE B 86 24.37 0.26 -27.24
CA ILE B 86 23.49 -0.84 -27.63
C ILE B 86 22.55 -0.30 -28.67
N ALA B 87 22.55 -0.88 -29.86
CA ALA B 87 21.64 -0.44 -30.91
C ALA B 87 21.26 -1.56 -31.83
N GLU B 88 20.12 -1.38 -32.54
CA GLU B 88 19.61 -2.27 -33.57
C GLU B 88 19.23 -1.45 -34.79
N PRO B 89 19.60 -1.88 -36.01
CA PRO B 89 19.12 -1.16 -37.20
C PRO B 89 17.69 -1.58 -37.50
N ALA B 90 16.91 -0.68 -38.10
CA ALA B 90 15.54 -1.02 -38.50
C ALA B 90 15.08 -0.23 -39.73
N ILE B 91 14.47 -0.92 -40.73
CA ILE B 91 13.87 -0.29 -41.94
C ILE B 91 12.39 -0.70 -41.87
N VAL B 92 11.50 0.27 -41.59
CA VAL B 92 10.13 -0.11 -41.28
C VAL B 92 9.06 0.17 -42.42
N ARG B 93 8.39 1.35 -42.51
CA ARG B 93 7.25 1.56 -43.43
C ARG B 93 7.58 1.76 -44.91
N GLU B 94 7.25 0.73 -45.69
CA GLU B 94 7.40 0.69 -47.16
C GLU B 94 8.81 1.10 -47.65
N ARG B 95 9.83 0.81 -46.79
CA ARG B 95 11.27 1.07 -46.93
C ARG B 95 11.65 2.56 -46.97
N LYS B 96 10.66 3.46 -46.96
CA LYS B 96 10.88 4.91 -46.90
C LYS B 96 11.32 5.30 -45.46
N LYS B 97 11.21 4.36 -44.44
CA LYS B 97 11.51 4.68 -43.05
C LYS B 97 12.73 3.93 -42.39
N TYR B 98 13.86 4.63 -42.26
CA TYR B 98 15.07 4.08 -41.60
C TYR B 98 15.15 4.60 -40.20
N VAL B 99 15.42 3.72 -39.23
CA VAL B 99 15.57 4.10 -37.84
C VAL B 99 16.70 3.30 -37.13
N LEU B 100 17.33 3.93 -36.14
CA LEU B 100 18.33 3.28 -35.32
C LEU B 100 17.68 3.15 -33.94
N LEU B 101 17.47 1.89 -33.50
CA LEU B 101 16.88 1.64 -32.18
C LEU B 101 18.03 1.69 -31.17
N VAL B 102 18.06 2.73 -30.33
CA VAL B 102 19.13 2.94 -29.35
C VAL B 102 18.66 2.50 -27.96
N ASP B 103 19.30 1.44 -27.41
CA ASP B 103 18.97 0.86 -26.11
C ASP B 103 19.89 1.37 -25.02
N ASP B 104 21.09 1.82 -25.38
CA ASP B 104 22.06 2.38 -24.46
C ASP B 104 23.08 3.24 -25.19
N PHE B 105 23.50 4.33 -24.55
CA PHE B 105 24.47 5.30 -25.04
C PHE B 105 25.21 5.93 -23.87
N GLU B 106 26.25 6.69 -24.18
CA GLU B 106 26.98 7.46 -23.16
C GLU B 106 27.14 8.89 -23.67
N LEU B 107 27.02 9.86 -22.75
CA LEU B 107 27.21 11.27 -23.06
C LEU B 107 28.69 11.53 -23.31
N VAL B 108 28.99 12.12 -24.48
CA VAL B 108 30.38 12.46 -24.84
C VAL B 108 30.62 13.95 -24.54
N GLN B 109 29.72 14.83 -25.03
CA GLN B 109 29.81 16.27 -24.81
C GLN B 109 28.44 16.92 -24.80
N SER B 110 28.21 17.81 -23.83
CA SER B 110 26.98 18.56 -23.70
C SER B 110 27.05 19.88 -24.46
N ARG B 111 25.97 20.17 -25.20
CA ARG B 111 25.66 21.35 -25.99
C ARG B 111 26.83 21.83 -26.86
N ALA B 112 27.40 20.93 -27.68
CA ALA B 112 28.47 21.30 -28.59
C ALA B 112 27.86 21.99 -29.79
N ASP B 113 28.68 22.76 -30.52
CA ASP B 113 28.21 23.47 -31.71
C ASP B 113 27.92 22.45 -32.82
N MET B 114 26.88 22.72 -33.63
CA MET B 114 26.48 21.82 -34.71
C MET B 114 27.60 21.62 -35.73
N VAL B 115 28.01 20.36 -35.88
CA VAL B 115 29.08 19.94 -36.79
C VAL B 115 28.65 20.20 -38.25
N ASN B 116 27.35 20.05 -38.53
CA ASN B 116 26.73 20.29 -39.82
C ASN B 116 25.25 20.62 -39.58
N GLN B 117 24.75 21.65 -40.29
CA GLN B 117 23.33 22.04 -40.21
C GLN B 117 22.64 21.75 -41.52
N THR B 118 23.44 21.58 -42.60
CA THR B 118 22.97 21.30 -43.95
C THR B 118 23.19 19.81 -44.31
N SER B 119 23.01 18.91 -43.32
CA SER B 119 23.17 17.47 -43.52
C SER B 119 21.99 16.90 -44.28
N THR B 120 22.19 15.71 -44.85
CA THR B 120 21.20 15.00 -45.67
C THR B 120 20.41 14.02 -44.84
N PHE B 121 19.08 14.01 -45.02
CA PHE B 121 18.22 13.03 -44.36
C PHE B 121 18.52 11.70 -45.02
N LEU B 122 18.94 10.71 -44.21
CA LEU B 122 19.32 9.36 -44.66
C LEU B 122 18.28 8.68 -45.56
N ASP B 123 16.99 8.80 -45.22
CA ASP B 123 15.86 8.21 -45.97
C ASP B 123 15.72 8.82 -47.37
N ASN B 124 16.03 10.13 -47.46
CA ASN B 124 16.04 10.84 -48.73
C ASN B 124 17.19 10.32 -49.60
N TYR B 125 18.38 10.07 -49.01
CA TYR B 125 19.54 9.51 -49.75
C TYR B 125 19.24 8.14 -50.33
N PHE B 126 18.71 7.23 -49.50
CA PHE B 126 18.40 5.86 -49.89
C PHE B 126 17.20 5.77 -50.86
N SER B 127 16.37 6.83 -50.98
CA SER B 127 15.26 6.83 -51.93
C SER B 127 15.81 7.08 -53.33
N GLU B 128 16.97 7.75 -53.38
CA GLU B 128 17.72 8.12 -54.58
C GLU B 128 18.72 7.03 -54.97
N HIS B 129 19.23 6.32 -53.93
CA HIS B 129 20.16 5.19 -54.07
C HIS B 129 19.52 3.98 -53.37
N PRO B 130 18.48 3.34 -53.97
CA PRO B 130 17.81 2.23 -53.28
C PRO B 130 18.49 0.86 -53.43
N ASN B 131 19.34 0.68 -54.48
CA ASN B 131 20.07 -0.54 -54.81
C ASN B 131 21.14 -0.95 -53.79
N GLU B 132 21.49 -0.03 -52.89
CA GLU B 132 22.49 -0.26 -51.86
C GLU B 132 21.88 -0.31 -50.47
N THR B 133 21.28 -1.47 -50.09
CA THR B 133 20.64 -1.69 -48.78
C THR B 133 20.67 -3.16 -48.33
N ASP C 12 2.40 10.30 -37.13
CA ASP C 12 2.81 9.80 -38.44
C ASP C 12 4.01 8.83 -38.36
N ASP C 13 4.63 8.73 -37.16
CA ASP C 13 5.75 7.83 -36.89
C ASP C 13 5.34 6.60 -35.99
N ASP C 14 4.03 6.28 -35.95
CA ASP C 14 3.43 5.17 -35.20
C ASP C 14 4.06 3.80 -35.50
N ASP C 15 4.44 3.57 -36.78
CA ASP C 15 5.12 2.34 -37.23
C ASP C 15 6.54 2.18 -36.67
N ILE C 16 7.19 3.32 -36.29
CA ILE C 16 8.52 3.29 -35.66
C ILE C 16 8.30 3.07 -34.16
N LEU C 17 7.40 3.87 -33.55
CA LEU C 17 7.07 3.79 -32.13
C LEU C 17 6.59 2.40 -31.68
N GLU C 18 6.17 1.59 -32.63
CA GLU C 18 5.71 0.22 -32.42
C GLU C 18 6.88 -0.73 -31.99
N LEU C 19 8.10 -0.33 -32.31
CA LEU C 19 9.33 -1.07 -32.06
C LEU C 19 9.90 -0.85 -30.66
N VAL C 20 9.33 0.12 -29.88
CA VAL C 20 9.75 0.45 -28.48
C VAL C 20 9.82 -0.79 -27.59
N ASN C 21 8.81 -1.67 -27.73
CA ASN C 21 8.60 -2.88 -26.92
C ASN C 21 9.00 -4.17 -27.59
N ARG C 22 9.53 -4.09 -28.83
CA ARG C 22 10.03 -5.26 -29.53
C ARG C 22 11.20 -5.80 -28.70
N PRO C 23 11.20 -7.11 -28.35
CA PRO C 23 12.29 -7.65 -27.55
C PRO C 23 13.68 -7.28 -28.07
N PRO C 24 14.57 -6.74 -27.22
CA PRO C 24 15.91 -6.38 -27.70
C PRO C 24 16.78 -7.62 -27.96
N MET C 25 17.67 -7.53 -28.96
CA MET C 25 18.64 -8.59 -29.22
C MET C 25 19.65 -8.60 -28.09
N SER C 26 19.99 -7.43 -27.50
CA SER C 26 20.97 -7.41 -26.41
C SER C 26 20.34 -7.79 -25.11
N GLN C 27 21.06 -8.63 -24.34
CA GLN C 27 20.62 -9.00 -23.00
C GLN C 27 21.01 -7.88 -22.03
N MET C 28 21.84 -6.92 -22.50
CA MET C 28 22.29 -5.76 -21.70
C MET C 28 21.25 -4.65 -21.68
N ALA C 29 20.29 -4.67 -22.64
CA ALA C 29 19.17 -3.74 -22.78
C ALA C 29 18.10 -4.09 -21.72
N VAL C 30 17.92 -3.17 -20.79
CA VAL C 30 17.00 -3.35 -19.65
C VAL C 30 15.80 -2.41 -19.70
N PRO C 31 14.59 -2.97 -19.55
CA PRO C 31 13.40 -2.10 -19.53
C PRO C 31 13.37 -1.26 -18.25
N ILE C 32 13.00 -0.02 -18.39
CA ILE C 32 12.88 0.88 -17.26
C ILE C 32 11.43 1.35 -17.24
N LYS C 33 10.70 1.11 -16.12
CA LYS C 33 9.30 1.52 -15.97
C LYS C 33 9.18 3.02 -16.15
N PRO C 34 8.16 3.52 -16.90
CA PRO C 34 8.06 4.97 -17.14
C PRO C 34 7.93 5.75 -15.84
N PRO C 35 8.71 6.86 -15.67
CA PRO C 35 8.69 7.58 -14.38
C PRO C 35 7.30 7.97 -13.89
N GLU C 36 7.07 7.74 -12.59
CA GLU C 36 5.80 8.10 -11.99
C GLU C 36 6.05 9.15 -10.95
N SER C 37 5.17 10.17 -10.91
CA SER C 37 5.25 11.24 -9.93
C SER C 37 4.94 10.68 -8.56
N GLN C 38 5.37 11.38 -7.51
CA GLN C 38 5.09 11.02 -6.12
C GLN C 38 3.58 10.85 -5.90
N ALA C 39 2.76 11.74 -6.50
CA ALA C 39 1.29 11.67 -6.41
C ALA C 39 0.72 10.39 -7.00
N GLU C 40 1.26 9.91 -8.14
CA GLU C 40 0.84 8.67 -8.83
C GLU C 40 1.27 7.49 -7.99
N GLN C 41 2.47 7.53 -7.48
CA GLN C 41 3.00 6.47 -6.66
C GLN C 41 2.28 6.33 -5.32
N LEU C 42 1.92 7.45 -4.69
CA LEU C 42 1.21 7.45 -3.42
C LEU C 42 -0.21 6.88 -3.58
N MET C 43 -0.88 7.21 -4.69
CA MET C 43 -2.22 6.70 -5.00
C MET C 43 -2.18 5.22 -5.20
N LYS C 44 -1.22 4.71 -5.99
CA LYS C 44 -1.04 3.28 -6.23
C LYS C 44 -0.75 2.57 -4.94
N ALA C 45 0.15 3.09 -4.11
CA ALA C 45 0.48 2.45 -2.84
C ALA C 45 -0.78 2.36 -1.93
N LYS C 46 -1.54 3.46 -1.82
CA LYS C 46 -2.78 3.53 -1.02
C LYS C 46 -3.83 2.54 -1.53
N GLY C 47 -3.94 2.45 -2.86
CA GLY C 47 -4.83 1.50 -3.51
C GLY C 47 -4.42 0.08 -3.24
N GLU C 48 -3.09 -0.24 -3.32
CA GLU C 48 -2.54 -1.57 -2.98
C GLU C 48 -2.84 -1.93 -1.52
N VAL C 49 -2.74 -0.96 -0.61
CA VAL C 49 -3.00 -1.18 0.82
C VAL C 49 -4.44 -1.69 1.01
N GLY C 50 -5.40 -1.03 0.37
CA GLY C 50 -6.80 -1.40 0.42
C GLY C 50 -7.09 -2.79 -0.14
N VAL C 51 -6.46 -3.11 -1.28
CA VAL C 51 -6.59 -4.41 -1.94
C VAL C 51 -5.98 -5.52 -1.05
N LEU C 52 -4.79 -5.28 -0.48
CA LEU C 52 -4.15 -6.26 0.38
C LEU C 52 -4.95 -6.47 1.66
N ARG C 53 -5.52 -5.41 2.24
CA ARG C 53 -6.37 -5.51 3.43
C ARG C 53 -7.62 -6.37 3.16
N GLN C 54 -8.23 -6.21 1.97
CA GLN C 54 -9.40 -7.00 1.52
C GLN C 54 -9.03 -8.49 1.39
N LYS C 55 -7.92 -8.78 0.67
CA LYS C 55 -7.37 -10.13 0.48
C LYS C 55 -7.07 -10.81 1.80
N LEU C 56 -6.48 -10.09 2.76
CA LEU C 56 -6.16 -10.64 4.07
C LEU C 56 -7.42 -10.97 4.88
N SER C 57 -8.38 -10.05 4.91
CA SER C 57 -9.64 -10.25 5.63
C SER C 57 -10.38 -11.50 5.11
N MET C 58 -10.37 -11.69 3.79
CA MET C 58 -10.99 -12.80 3.06
C MET C 58 -10.27 -14.12 3.36
N LEU C 59 -8.94 -14.10 3.36
CA LEU C 59 -8.14 -15.30 3.58
C LEU C 59 -8.22 -15.80 5.03
N GLU C 60 -8.41 -14.90 6.01
CA GLU C 60 -8.56 -15.25 7.43
C GLU C 60 -9.85 -16.03 7.61
N LYS C 61 -10.94 -15.55 6.97
CA LYS C 61 -12.29 -16.13 6.93
C LYS C 61 -12.19 -17.57 6.37
N THR C 62 -11.53 -17.72 5.20
CA THR C 62 -11.25 -18.98 4.54
C THR C 62 -10.53 -19.96 5.47
N LEU C 63 -9.38 -19.57 6.05
CA LEU C 63 -8.62 -20.38 7.01
C LEU C 63 -9.53 -20.87 8.15
N ARG C 64 -10.30 -19.98 8.76
CA ARG C 64 -11.25 -20.28 9.83
C ARG C 64 -12.31 -21.30 9.38
N GLU C 65 -12.86 -21.14 8.15
CA GLU C 65 -13.86 -22.04 7.55
C GLU C 65 -13.26 -23.40 7.33
N HIS C 66 -12.10 -23.49 6.66
CA HIS C 66 -11.35 -24.72 6.42
C HIS C 66 -11.13 -25.44 7.76
N ASP C 67 -10.71 -24.70 8.82
CA ASP C 67 -10.53 -25.22 10.19
C ASP C 67 -11.81 -25.81 10.78
N ASP C 68 -12.95 -25.09 10.66
CA ASP C 68 -14.29 -25.53 11.10
C ASP C 68 -14.72 -26.80 10.34
N ASN C 69 -14.40 -26.86 9.02
CA ASN C 69 -14.70 -27.97 8.12
C ASN C 69 -13.89 -29.20 8.48
N GLN C 70 -12.58 -29.01 8.78
CA GLN C 70 -11.67 -30.08 9.20
C GLN C 70 -12.28 -30.77 10.41
N LYS C 71 -12.68 -29.98 11.43
CA LYS C 71 -13.29 -30.41 12.68
C LYS C 71 -14.60 -31.17 12.46
N LYS C 72 -15.46 -30.65 11.58
CA LYS C 72 -16.74 -31.25 11.21
C LYS C 72 -16.53 -32.61 10.50
N LEU C 73 -15.64 -32.65 9.47
CA LEU C 73 -15.35 -33.85 8.67
C LEU C 73 -14.70 -34.96 9.47
N GLU C 74 -13.84 -34.59 10.44
CA GLU C 74 -13.15 -35.52 11.36
C GLU C 74 -14.18 -36.15 12.31
N SER C 75 -15.12 -35.35 12.83
CA SER C 75 -16.16 -35.78 13.74
C SER C 75 -17.08 -36.79 13.05
N SER C 76 -17.49 -36.50 11.80
CA SER C 76 -18.31 -37.36 10.95
C SER C 76 -17.57 -38.66 10.65
N LEU C 77 -16.24 -38.57 10.43
CA LEU C 77 -15.37 -39.71 10.16
C LEU C 77 -15.29 -40.64 11.36
N LYS C 78 -14.97 -40.10 12.54
CA LYS C 78 -14.90 -40.85 13.80
C LYS C 78 -16.21 -41.56 14.12
N SER C 79 -17.35 -40.86 13.92
CA SER C 79 -18.70 -41.35 14.15
C SER C 79 -19.06 -42.46 13.16
N SER C 80 -18.66 -42.34 11.89
CA SER C 80 -18.92 -43.38 10.88
C SER C 80 -18.12 -44.63 11.18
N HIS C 81 -16.84 -44.46 11.64
N HIS C 81 -16.87 -44.43 11.65
CA HIS C 81 -15.97 -45.56 12.03
CA HIS C 81 -15.93 -45.46 12.02
C HIS C 81 -16.56 -46.28 13.22
C HIS C 81 -16.37 -46.24 13.28
N GLU C 82 -16.89 -45.54 14.30
CA GLU C 82 -17.46 -46.11 15.53
C GLU C 82 -18.72 -46.95 15.26
N GLU C 83 -19.55 -46.55 14.27
CA GLU C 83 -20.74 -47.29 13.83
C GLU C 83 -20.31 -48.65 13.25
N GLU C 84 -19.28 -48.66 12.37
CA GLU C 84 -18.77 -49.87 11.74
C GLU C 84 -18.18 -50.82 12.77
N VAL C 85 -17.37 -50.28 13.71
CA VAL C 85 -16.75 -51.04 14.78
C VAL C 85 -17.82 -51.67 15.71
N THR C 86 -18.91 -50.91 15.99
CA THR C 86 -20.05 -51.37 16.80
C THR C 86 -20.76 -52.54 16.10
N LYS C 87 -21.05 -52.42 14.79
CA LYS C 87 -21.67 -53.47 13.94
C LYS C 87 -20.90 -54.82 14.06
N LEU C 88 -19.56 -54.78 13.88
CA LEU C 88 -18.67 -55.93 13.97
C LEU C 88 -18.61 -56.53 15.37
N LYS C 89 -18.58 -55.69 16.42
CA LYS C 89 -18.57 -56.12 17.82
C LYS C 89 -19.88 -56.85 18.15
N ILE C 90 -21.00 -56.34 17.64
CA ILE C 90 -22.33 -56.93 17.76
C ILE C 90 -22.36 -58.27 17.03
N GLU C 91 -21.74 -58.35 15.84
CA GLU C 91 -21.64 -59.61 15.07
C GLU C 91 -20.83 -60.68 15.84
N LEU C 92 -19.70 -60.26 16.46
CA LEU C 92 -18.84 -61.08 17.30
C LEU C 92 -19.57 -61.68 18.52
N GLU C 93 -20.26 -60.82 19.28
CA GLU C 93 -21.07 -61.25 20.43
C GLU C 93 -22.12 -62.29 20.01
N ARG C 94 -22.77 -62.10 18.86
CA ARG C 94 -23.77 -63.01 18.30
C ARG C 94 -23.16 -64.44 18.06
N LEU C 95 -21.96 -64.50 17.46
CA LEU C 95 -21.24 -65.75 17.23
C LEU C 95 -20.76 -66.34 18.56
N GLU C 96 -20.34 -65.49 19.51
CA GLU C 96 -19.96 -65.97 20.83
C GLU C 96 -21.15 -66.62 21.51
N ASP C 97 -22.33 -65.97 21.47
CA ASP C 97 -23.58 -66.51 22.01
C ASP C 97 -24.04 -67.79 21.32
N GLU C 98 -23.82 -67.90 19.99
CA GLU C 98 -24.17 -69.09 19.22
C GLU C 98 -23.43 -70.30 19.75
N ARG C 99 -22.10 -70.18 19.90
CA ARG C 99 -21.23 -71.22 20.46
C ARG C 99 -21.65 -71.58 21.89
N LYS C 100 -21.98 -70.57 22.73
CA LYS C 100 -22.45 -70.79 24.10
C LYS C 100 -23.84 -71.50 24.11
N PHE C 101 -24.69 -71.23 23.11
CA PHE C 101 -25.99 -71.89 22.96
C PHE C 101 -25.81 -73.32 22.58
N MET C 102 -24.79 -73.58 21.74
CA MET C 102 -24.46 -74.91 21.27
C MET C 102 -23.93 -75.75 22.43
N LEU C 103 -23.08 -75.17 23.30
CA LEU C 103 -22.57 -75.92 24.44
C LEU C 103 -23.69 -76.21 25.44
N LEU C 104 -24.56 -75.22 25.65
CA LEU C 104 -25.68 -75.37 26.59
C LEU C 104 -26.66 -76.44 26.18
N GLU C 105 -27.15 -76.44 24.92
CA GLU C 105 -28.08 -77.48 24.47
C GLU C 105 -27.18 -78.71 24.13
N GLN C 106 -27.63 -79.94 24.33
CA GLN C 106 -26.68 -81.04 24.11
C GLN C 106 -27.06 -81.95 22.93
N LYS C 107 -26.54 -81.64 21.72
CA LYS C 107 -26.88 -82.46 20.55
C LYS C 107 -26.05 -83.82 20.50
N HIS C 108 -26.55 -84.83 21.27
CA HIS C 108 -26.03 -86.19 21.47
C HIS C 108 -25.88 -86.98 20.16
N ASP D 12 7.69 29.30 31.06
CA ASP D 12 6.85 29.37 29.87
C ASP D 12 5.53 28.57 30.03
N ASP D 13 4.99 27.98 28.91
CA ASP D 13 3.73 27.23 28.91
C ASP D 13 3.85 25.75 28.59
N ASP D 14 4.94 25.15 29.01
CA ASP D 14 5.22 23.73 28.87
C ASP D 14 4.18 22.83 29.60
N ASP D 15 3.71 23.26 30.79
CA ASP D 15 2.68 22.58 31.61
C ASP D 15 1.31 22.63 30.94
N ILE D 16 1.10 23.62 30.06
CA ILE D 16 -0.13 23.72 29.27
C ILE D 16 -0.03 22.79 28.05
N LEU D 17 1.10 22.91 27.29
CA LEU D 17 1.40 22.13 26.09
C LEU D 17 1.42 20.62 26.32
N GLU D 18 1.63 20.22 27.57
CA GLU D 18 1.67 18.84 28.01
C GLU D 18 0.28 18.16 27.91
N LEU D 19 -0.80 18.96 27.85
CA LEU D 19 -2.18 18.53 27.78
C LEU D 19 -2.64 18.19 26.38
N VAL D 20 -1.82 18.48 25.34
CA VAL D 20 -2.10 18.20 23.90
C VAL D 20 -2.51 16.71 23.68
N ASN D 21 -1.79 15.81 24.36
CA ASN D 21 -1.94 14.37 24.25
C ASN D 21 -2.71 13.70 25.36
N ARG D 22 -3.22 14.49 26.34
CA ARG D 22 -4.02 13.98 27.44
C ARG D 22 -5.29 13.43 26.83
N PRO D 23 -5.66 12.16 27.13
CA PRO D 23 -6.86 11.58 26.50
C PRO D 23 -8.10 12.48 26.69
N PRO D 24 -8.82 12.79 25.60
CA PRO D 24 -10.00 13.65 25.75
C PRO D 24 -11.17 12.97 26.43
N MET D 25 -11.97 13.77 27.15
CA MET D 25 -13.20 13.30 27.74
C MET D 25 -14.21 12.93 26.66
N SER D 26 -14.23 13.67 25.55
CA SER D 26 -15.17 13.40 24.46
C SER D 26 -14.69 12.31 23.58
N GLN D 27 -15.63 11.44 23.21
CA GLN D 27 -15.36 10.35 22.27
C GLN D 27 -15.38 10.91 20.85
N MET D 28 -15.91 12.14 20.68
CA MET D 28 -16.02 12.87 19.40
C MET D 28 -14.71 13.54 19.02
N ALA D 29 -13.81 13.74 19.98
CA ALA D 29 -12.48 14.32 19.82
C ALA D 29 -11.54 13.26 19.21
N VAL D 30 -11.14 13.50 17.95
CA VAL D 30 -10.28 12.60 17.20
C VAL D 30 -8.91 13.18 16.92
N PRO D 31 -7.84 12.44 17.26
CA PRO D 31 -6.49 12.92 16.92
C PRO D 31 -6.27 12.90 15.42
N ILE D 32 -5.62 13.93 14.91
CA ILE D 32 -5.31 14.01 13.51
C ILE D 32 -3.81 14.19 13.42
N LYS D 33 -3.11 13.27 12.72
CA LYS D 33 -1.67 13.35 12.54
C LYS D 33 -1.29 14.71 11.87
N PRO D 34 -0.22 15.39 12.38
CA PRO D 34 0.23 16.65 11.75
C PRO D 34 0.56 16.40 10.26
N PRO D 35 0.21 17.36 9.36
CA PRO D 35 0.39 17.13 7.91
C PRO D 35 1.73 16.53 7.49
N GLU D 36 1.64 15.56 6.59
CA GLU D 36 2.80 14.86 6.08
C GLU D 36 2.92 15.13 4.62
N SER D 37 4.16 15.36 4.16
CA SER D 37 4.45 15.59 2.75
C SER D 37 4.24 14.32 1.99
N GLN D 38 4.03 14.43 0.69
CA GLN D 38 3.90 13.28 -0.21
C GLN D 38 5.09 12.31 -0.06
N ALA D 39 6.32 12.83 0.07
CA ALA D 39 7.52 12.00 0.27
C ALA D 39 7.49 11.15 1.55
N GLU D 40 6.96 11.73 2.67
CA GLU D 40 6.81 11.06 3.97
C GLU D 40 5.72 10.01 3.87
N GLN D 41 4.64 10.38 3.23
CA GLN D 41 3.52 9.50 3.01
C GLN D 41 3.85 8.36 2.09
N LEU D 42 4.64 8.58 1.05
CA LEU D 42 5.04 7.54 0.08
C LEU D 42 5.91 6.49 0.77
N MET D 43 6.80 6.90 1.66
CA MET D 43 7.65 5.98 2.39
C MET D 43 6.84 5.07 3.31
N LYS D 44 5.94 5.69 4.07
CA LYS D 44 5.04 4.98 4.97
C LYS D 44 4.15 4.02 4.19
N ALA D 45 3.54 4.50 3.10
CA ALA D 45 2.65 3.68 2.28
C ALA D 45 3.40 2.47 1.70
N LYS D 46 4.64 2.68 1.18
CA LYS D 46 5.47 1.61 0.60
C LYS D 46 5.80 0.58 1.66
N GLY D 47 6.11 1.05 2.87
CA GLY D 47 6.36 0.19 4.02
C GLY D 47 5.13 -0.64 4.35
N GLU D 48 3.95 -0.01 4.40
CA GLU D 48 2.68 -0.72 4.66
C GLU D 48 2.40 -1.79 3.61
N VAL D 49 2.68 -1.48 2.34
CA VAL D 49 2.46 -2.40 1.21
C VAL D 49 3.28 -3.69 1.43
N GLY D 50 4.56 -3.51 1.80
CA GLY D 50 5.50 -4.59 2.06
C GLY D 50 5.04 -5.46 3.20
N VAL D 51 4.60 -4.85 4.29
CA VAL D 51 4.11 -5.54 5.48
C VAL D 51 2.85 -6.36 5.16
N LEU D 52 1.89 -5.74 4.45
CA LEU D 52 0.66 -6.44 4.09
C LEU D 52 0.92 -7.58 3.09
N ARG D 53 1.84 -7.40 2.15
CA ARG D 53 2.23 -8.46 1.22
C ARG D 53 2.90 -9.64 1.96
N GLN D 54 3.72 -9.37 2.99
CA GLN D 54 4.37 -10.38 3.83
C GLN D 54 3.32 -11.16 4.60
N LYS D 55 2.36 -10.48 5.26
CA LYS D 55 1.25 -11.08 6.00
C LYS D 55 0.40 -11.99 5.10
N LEU D 56 0.11 -11.55 3.87
CA LEU D 56 -0.66 -12.35 2.91
C LEU D 56 0.10 -13.59 2.46
N SER D 57 1.39 -13.45 2.12
CA SER D 57 2.24 -14.56 1.69
C SER D 57 2.31 -15.64 2.78
N MET D 58 2.40 -15.22 4.04
CA MET D 58 2.45 -16.03 5.25
C MET D 58 1.13 -16.74 5.50
N LEU D 59 0.00 -16.04 5.32
CA LEU D 59 -1.34 -16.62 5.52
C LEU D 59 -1.69 -17.68 4.46
N GLU D 60 -1.20 -17.52 3.22
CA GLU D 60 -1.42 -18.47 2.12
C GLU D 60 -0.71 -19.78 2.46
N LYS D 61 0.55 -19.68 2.96
CA LYS D 61 1.42 -20.77 3.44
C LYS D 61 0.69 -21.54 4.54
N THR D 62 0.17 -20.83 5.56
CA THR D 62 -0.64 -21.36 6.66
C THR D 62 -1.84 -22.16 6.12
N LEU D 63 -2.71 -21.55 5.29
CA LEU D 63 -3.85 -22.22 4.65
C LEU D 63 -3.42 -23.53 3.99
N ARG D 64 -2.37 -23.48 3.17
CA ARG D 64 -1.81 -24.63 2.45
C ARG D 64 -1.36 -25.72 3.44
N GLU D 65 -0.67 -25.34 4.54
CA GLU D 65 -0.20 -26.25 5.59
C GLU D 65 -1.36 -26.90 6.29
N HIS D 66 -2.34 -26.11 6.77
CA HIS D 66 -3.57 -26.60 7.41
C HIS D 66 -4.25 -27.63 6.47
N ASP D 67 -4.35 -27.30 5.15
CA ASP D 67 -4.92 -28.20 4.13
C ASP D 67 -4.14 -29.51 4.01
N ASP D 68 -2.78 -29.45 3.97
CA ASP D 68 -1.89 -30.62 3.92
C ASP D 68 -2.05 -31.45 5.19
N ASN D 69 -2.21 -30.80 6.36
CA ASN D 69 -2.42 -31.42 7.67
C ASN D 69 -3.75 -32.15 7.74
N GLN D 70 -4.84 -31.53 7.20
CA GLN D 70 -6.17 -32.13 7.15
C GLN D 70 -6.06 -33.47 6.43
N LYS D 71 -5.41 -33.45 5.23
CA LYS D 71 -5.19 -34.59 4.35
C LYS D 71 -4.36 -35.68 5.03
N LYS D 72 -3.29 -35.29 5.72
CA LYS D 72 -2.38 -36.18 6.46
C LYS D 72 -3.12 -36.85 7.63
N LEU D 73 -3.86 -36.06 8.46
CA LEU D 73 -4.58 -36.55 9.65
C LEU D 73 -5.72 -37.50 9.29
N GLU D 74 -6.40 -37.23 8.15
CA GLU D 74 -7.48 -38.06 7.63
C GLU D 74 -6.92 -39.41 7.15
N SER D 75 -5.77 -39.38 6.46
CA SER D 75 -5.10 -40.58 5.94
C SER D 75 -4.66 -41.49 7.10
N SER D 76 -4.08 -40.91 8.17
CA SER D 76 -3.68 -41.60 9.39
C SER D 76 -4.90 -42.20 10.10
N LEU D 77 -6.02 -41.45 10.10
CA LEU D 77 -7.28 -41.86 10.70
C LEU D 77 -7.86 -43.08 9.97
N LYS D 78 -8.00 -42.99 8.63
CA LYS D 78 -8.49 -44.07 7.79
C LYS D 78 -7.65 -45.35 7.93
N SER D 79 -6.32 -45.21 7.99
CA SER D 79 -5.35 -46.29 8.14
C SER D 79 -5.53 -47.05 9.46
N SER D 80 -5.62 -46.31 10.59
CA SER D 80 -5.80 -46.85 11.92
C SER D 80 -7.16 -47.59 12.02
N HIS D 81 -8.22 -46.95 11.50
N HIS D 81 -8.24 -46.97 11.53
CA HIS D 81 -9.59 -47.44 11.43
CA HIS D 81 -9.59 -47.54 11.50
C HIS D 81 -9.64 -48.77 10.67
C HIS D 81 -9.57 -48.85 10.72
N GLU D 82 -8.95 -48.85 9.50
CA GLU D 82 -8.85 -50.07 8.67
C GLU D 82 -8.09 -51.21 9.38
N GLU D 83 -7.08 -50.87 10.21
CA GLU D 83 -6.35 -51.85 11.03
C GLU D 83 -7.30 -52.47 12.08
N GLU D 84 -8.10 -51.63 12.76
CA GLU D 84 -9.06 -52.05 13.77
C GLU D 84 -10.14 -52.93 13.14
N VAL D 85 -10.70 -52.50 11.99
CA VAL D 85 -11.71 -53.24 11.23
C VAL D 85 -11.19 -54.61 10.77
N THR D 86 -9.91 -54.67 10.37
CA THR D 86 -9.22 -55.90 9.95
C THR D 86 -9.12 -56.86 11.15
N LYS D 87 -8.67 -56.38 12.30
CA LYS D 87 -8.58 -57.16 13.57
C LYS D 87 -9.91 -57.86 13.92
N LEU D 88 -11.02 -57.11 13.89
CA LEU D 88 -12.39 -57.59 14.16
C LEU D 88 -12.89 -58.61 13.13
N LYS D 89 -12.59 -58.37 11.84
CA LYS D 89 -12.94 -59.26 10.72
C LYS D 89 -12.21 -60.59 10.88
N ILE D 90 -10.93 -60.53 11.31
CA ILE D 90 -10.11 -61.71 11.60
C ILE D 90 -10.72 -62.49 12.78
N GLU D 91 -11.19 -61.81 13.84
CA GLU D 91 -11.85 -62.49 14.95
C GLU D 91 -13.17 -63.14 14.51
N LEU D 92 -13.96 -62.44 13.67
CA LEU D 92 -15.20 -62.97 13.10
C LEU D 92 -14.99 -64.28 12.31
N GLU D 93 -14.01 -64.29 11.41
CA GLU D 93 -13.69 -65.48 10.63
C GLU D 93 -13.30 -66.65 11.53
N ARG D 94 -12.53 -66.38 12.59
CA ARG D 94 -12.09 -67.36 13.59
C ARG D 94 -13.30 -68.03 14.27
N LEU D 95 -14.29 -67.22 14.69
CA LEU D 95 -15.52 -67.70 15.30
C LEU D 95 -16.36 -68.43 14.28
N GLU D 96 -16.39 -67.95 13.02
CA GLU D 96 -17.12 -68.65 11.95
C GLU D 96 -16.55 -70.04 11.77
N ASP D 97 -15.20 -70.14 11.69
CA ASP D 97 -14.51 -71.43 11.56
C ASP D 97 -14.73 -72.36 12.74
N GLU D 98 -14.74 -71.79 13.97
CA GLU D 98 -14.95 -72.54 15.21
C GLU D 98 -16.30 -73.23 15.19
N ARG D 99 -17.37 -72.47 14.89
CA ARG D 99 -18.75 -72.96 14.78
C ARG D 99 -18.82 -74.03 13.68
N LYS D 100 -18.17 -73.75 12.51
CA LYS D 100 -18.08 -74.66 11.36
C LYS D 100 -17.53 -76.02 11.80
N PHE D 101 -16.42 -76.01 12.57
CA PHE D 101 -15.81 -77.23 13.11
C PHE D 101 -16.69 -77.93 14.12
N MET D 102 -17.33 -77.17 15.02
CA MET D 102 -18.25 -77.72 16.03
C MET D 102 -19.40 -78.46 15.35
N LEU D 103 -19.93 -77.92 14.24
CA LEU D 103 -21.00 -78.59 13.50
C LEU D 103 -20.46 -79.84 12.82
N LEU D 104 -19.27 -79.76 12.25
CA LEU D 104 -18.67 -80.90 11.58
C LEU D 104 -18.40 -82.05 12.57
N GLU D 105 -18.06 -81.72 13.84
CA GLU D 105 -17.83 -82.71 14.87
C GLU D 105 -19.17 -83.35 15.30
N GLN D 106 -20.22 -82.50 15.45
CA GLN D 106 -21.60 -82.89 15.81
C GLN D 106 -22.19 -83.94 14.83
N LYS D 107 -21.64 -84.05 13.59
CA LYS D 107 -22.08 -85.05 12.62
C LYS D 107 -20.98 -86.09 12.28
N HIS D 108 -19.71 -85.67 12.22
CA HIS D 108 -18.55 -86.49 11.83
C HIS D 108 -18.00 -87.33 12.97
CL CL E . 11.31 0.99 -23.68
CL CL F . 4.28 18.23 -0.57
CL CL G . -5.23 -67.56 13.39
#